data_4DXD
#
_entry.id   4DXD
#
_cell.length_a   67.715
_cell.length_b   54.650
_cell.length_c   84.496
_cell.angle_alpha   90.00
_cell.angle_beta   106.75
_cell.angle_gamma   90.00
#
_symmetry.space_group_name_H-M   'C 1 2 1'
#
loop_
_entity.id
_entity.type
_entity.pdbx_description
1 polymer 'Cell division protein FtsZ'
2 non-polymer "GUANOSINE-5'-DIPHOSPHATE"
3 non-polymer 3-[(6-chloro[1,3]thiazolo[5,4-b]pyridin-2-yl)methoxy]-2,6-difluorobenzamide
4 water water
#
_entity_poly.entity_id   1
_entity_poly.type   'polypeptide(L)'
_entity_poly.pdbx_seq_one_letter_code
;MHHHHHHLEFEQGFNHLATLKVIGVGGGGNNAVNRMIDHGMNNVEFIAINTDGQALNLSKAESKIQIGEKLTRGLGAGAN
PEIGKKAAEESREQIEDAIQGADMVFVTSGMGGGTGTGAAPVVAKIAKEMGALTVGVVTRPFSFEGRKRQTQAAAGVEAM
KAAVDTLIVIPNDRLLDIVDKSTPMMEAFKEADNVLRQGVQGISDLIAVSGEVNLDFADVKTIMSNQGSALMGIGVSSGE
NRAVEAAKKAISSPLLETSIVGAQGVLMNITGGESLSLFEAQEAADIVQDAADEDVNMIFGTVINPELQDEIVVTVIATG
FDDKPTSHGRKSGSTGFGTSVNTSSNATSKDESFTSNSSNAQATDSVSERTHTTKEDDIPSFIRNREERRSRRTRR
;
_entity_poly.pdbx_strand_id   A
#
# COMPACT_ATOMS: atom_id res chain seq x y z
N ALA A 18 -15.87 -2.15 8.66
CA ALA A 18 -14.51 -2.53 9.00
C ALA A 18 -13.65 -1.29 9.18
N THR A 19 -12.82 -1.26 10.24
CA THR A 19 -11.95 -0.10 10.56
C THR A 19 -10.62 -0.16 9.80
N LEU A 20 -10.32 0.89 9.02
CA LEU A 20 -9.11 1.01 8.21
C LEU A 20 -8.16 2.03 8.83
N LYS A 21 -6.88 1.64 9.03
CA LYS A 21 -5.90 2.55 9.60
C LYS A 21 -4.65 2.62 8.76
N VAL A 22 -4.17 3.85 8.51
CA VAL A 22 -2.94 4.09 7.75
C VAL A 22 -1.87 4.60 8.74
N ILE A 23 -0.77 3.86 8.86
CA ILE A 23 0.31 4.20 9.78
C ILE A 23 1.59 4.56 9.06
N GLY A 24 2.03 5.80 9.25
CA GLY A 24 3.29 6.28 8.70
C GLY A 24 4.39 6.09 9.73
N VAL A 25 5.42 5.31 9.38
CA VAL A 25 6.56 5.02 10.26
C VAL A 25 7.87 5.65 9.70
N GLY A 26 8.42 6.58 10.47
CA GLY A 26 9.66 7.29 10.12
C GLY A 26 9.40 8.43 9.16
N GLY A 27 10.47 9.06 8.68
CA GLY A 27 10.40 10.22 7.79
C GLY A 27 9.54 10.12 6.55
N GLY A 28 9.83 9.13 5.71
CA GLY A 28 9.11 8.88 4.46
C GLY A 28 7.65 8.49 4.68
N GLY A 29 7.42 7.62 5.68
CA GLY A 29 6.08 7.16 6.03
C GLY A 29 5.22 8.31 6.50
N ASN A 30 5.78 9.16 7.38
CA ASN A 30 5.12 10.36 7.92
C ASN A 30 4.81 11.34 6.78
N ASN A 31 5.76 11.52 5.84
CA ASN A 31 5.61 12.40 4.66
C ASN A 31 4.46 11.89 3.80
N ALA A 32 4.38 10.57 3.59
CA ALA A 32 3.33 9.94 2.79
C ALA A 32 1.96 10.20 3.46
N VAL A 33 1.90 10.08 4.79
CA VAL A 33 0.69 10.31 5.59
C VAL A 33 0.24 11.75 5.41
N ASN A 34 1.16 12.73 5.57
CA ASN A 34 0.88 14.16 5.42
C ASN A 34 0.40 14.53 4.02
N ARG A 35 1.03 13.98 2.97
CA ARG A 35 0.60 14.28 1.59
C ARG A 35 -0.78 13.64 1.27
N MET A 36 -1.12 12.53 1.95
CA MET A 36 -2.41 11.86 1.76
C MET A 36 -3.54 12.62 2.42
N ILE A 37 -3.26 13.21 3.61
CA ILE A 37 -4.22 14.04 4.35
C ILE A 37 -4.51 15.29 3.48
N ASP A 38 -3.43 15.92 2.93
CA ASP A 38 -3.50 17.08 2.05
C ASP A 38 -4.36 16.81 0.81
N HIS A 39 -4.32 15.55 0.33
CA HIS A 39 -5.09 15.12 -0.83
C HIS A 39 -6.57 15.00 -0.47
N GLY A 40 -6.84 14.42 0.71
CA GLY A 40 -8.18 14.21 1.23
C GLY A 40 -8.58 12.74 1.27
N MET A 41 -8.87 12.25 2.49
CA MET A 41 -9.26 10.86 2.75
C MET A 41 -10.17 10.83 3.98
N ASN A 42 -11.34 10.19 3.86
CA ASN A 42 -12.30 10.05 4.95
C ASN A 42 -12.45 8.57 5.28
N ASN A 43 -13.11 8.23 6.40
CA ASN A 43 -13.34 6.85 6.88
C ASN A 43 -12.03 6.11 7.24
N VAL A 44 -10.90 6.83 7.17
CA VAL A 44 -9.57 6.30 7.46
C VAL A 44 -8.86 7.14 8.53
N GLU A 45 -8.33 6.45 9.54
CA GLU A 45 -7.57 7.00 10.66
C GLU A 45 -6.09 7.01 10.28
N PHE A 46 -5.42 8.14 10.45
CA PHE A 46 -3.99 8.25 10.18
C PHE A 46 -3.23 8.24 11.49
N ILE A 47 -2.20 7.39 11.58
CA ILE A 47 -1.34 7.28 12.75
C ILE A 47 0.11 7.63 12.36
N ALA A 48 0.71 8.62 13.04
CA ALA A 48 2.09 8.99 12.73
C ALA A 48 3.00 8.49 13.84
N ILE A 49 3.96 7.65 13.44
CA ILE A 49 4.94 7.05 14.33
C ILE A 49 6.35 7.49 13.92
N ASN A 50 7.07 8.12 14.86
CA ASN A 50 8.43 8.59 14.65
C ASN A 50 9.24 8.75 15.94
N THR A 51 10.57 8.62 15.84
CA THR A 51 11.51 8.83 16.94
C THR A 51 11.69 10.36 17.00
N ASP A 52 11.69 10.99 15.80
CA ASP A 52 11.87 12.42 15.55
C ASP A 52 10.66 13.25 15.99
N GLY A 53 10.80 13.88 17.16
CA GLY A 53 9.78 14.74 17.74
C GLY A 53 9.46 15.98 16.93
N GLN A 54 10.47 16.58 16.26
CA GLN A 54 10.29 17.77 15.42
C GLN A 54 9.30 17.48 14.27
N ALA A 55 9.55 16.39 13.51
CA ALA A 55 8.71 15.94 12.40
C ALA A 55 7.29 15.61 12.87
N LEU A 56 7.17 14.99 14.05
CA LEU A 56 5.89 14.61 14.66
C LEU A 56 5.00 15.84 14.98
N ASN A 57 5.61 16.94 15.48
CA ASN A 57 4.88 18.17 15.80
C ASN A 57 4.26 18.80 14.55
N LEU A 58 4.84 18.52 13.37
CA LEU A 58 4.38 19.03 12.07
C LEU A 58 3.41 18.07 11.33
N SER A 59 3.21 16.85 11.86
CA SER A 59 2.30 15.87 11.27
C SER A 59 0.87 16.38 11.27
N LYS A 60 0.13 16.06 10.22
CA LYS A 60 -1.26 16.43 10.04
C LYS A 60 -2.16 15.32 10.63
N ALA A 61 -1.54 14.19 11.03
CA ALA A 61 -2.23 13.03 11.60
C ALA A 61 -2.81 13.31 12.97
N GLU A 62 -4.08 12.92 13.19
CA GLU A 62 -4.79 13.10 14.47
C GLU A 62 -4.09 12.30 15.58
N SER A 63 -3.56 11.12 15.22
CA SER A 63 -2.86 10.20 16.11
C SER A 63 -1.33 10.28 15.88
N LYS A 64 -0.58 10.66 16.94
CA LYS A 64 0.90 10.79 16.90
C LYS A 64 1.55 10.01 18.03
N ILE A 65 2.50 9.14 17.69
CA ILE A 65 3.22 8.33 18.67
C ILE A 65 4.72 8.56 18.55
N GLN A 66 5.31 9.11 19.62
CA GLN A 66 6.75 9.33 19.65
C GLN A 66 7.36 8.12 20.31
N ILE A 67 8.16 7.37 19.54
CA ILE A 67 8.82 6.18 20.05
C ILE A 67 10.28 6.47 20.42
N GLY A 68 10.76 5.76 21.44
CA GLY A 68 12.11 5.83 21.97
C GLY A 68 12.61 7.19 22.41
N GLU A 69 11.74 7.96 23.12
CA GLU A 69 12.05 9.30 23.64
C GLU A 69 13.26 9.27 24.58
N LYS A 70 13.38 8.22 25.41
CA LYS A 70 14.51 8.06 26.32
C LYS A 70 15.73 7.59 25.52
N LEU A 71 15.51 6.79 24.48
CA LEU A 71 16.56 6.22 23.63
C LEU A 71 17.26 7.21 22.68
N THR A 72 16.48 8.10 22.06
CA THR A 72 16.98 9.07 21.08
C THR A 72 16.90 10.53 21.53
N ARG A 73 16.20 10.80 22.66
CA ARG A 73 15.98 12.14 23.23
C ARG A 73 15.21 13.07 22.28
N GLY A 74 14.26 12.46 21.52
CA GLY A 74 13.41 13.16 20.56
C GLY A 74 13.97 13.34 19.17
N LEU A 75 15.18 12.82 18.92
CA LEU A 75 15.84 12.89 17.62
C LEU A 75 15.51 11.64 16.83
N GLY A 76 15.98 11.58 15.59
CA GLY A 76 15.82 10.44 14.73
C GLY A 76 16.76 9.33 15.17
N ALA A 77 16.75 8.22 14.45
CA ALA A 77 17.58 7.06 14.73
C ALA A 77 18.93 7.08 13.97
N GLY A 78 19.24 8.18 13.29
CA GLY A 78 20.46 8.38 12.51
C GLY A 78 20.98 7.17 11.75
N ALA A 79 20.18 6.63 10.79
CA ALA A 79 20.53 5.47 9.94
C ALA A 79 20.76 4.10 10.62
N ASN A 80 20.54 3.95 11.92
CA ASN A 80 20.73 2.67 12.60
C ASN A 80 19.37 1.94 12.81
N PRO A 81 19.04 0.88 12.03
CA PRO A 81 17.74 0.19 12.22
C PRO A 81 17.54 -0.34 13.64
N GLU A 82 18.66 -0.74 14.30
CA GLU A 82 18.65 -1.25 15.68
C GLU A 82 17.97 -0.29 16.63
N ILE A 83 18.13 1.02 16.40
CA ILE A 83 17.50 2.05 17.23
C ILE A 83 15.98 2.10 17.00
N GLY A 84 15.55 2.06 15.75
CA GLY A 84 14.13 2.04 15.40
C GLY A 84 13.37 0.85 15.96
N LYS A 85 14.01 -0.34 15.93
CA LYS A 85 13.45 -1.59 16.45
C LYS A 85 13.27 -1.48 17.97
N LYS A 86 14.35 -1.08 18.69
CA LYS A 86 14.31 -0.90 20.16
C LYS A 86 13.24 0.13 20.55
N ALA A 87 13.21 1.28 19.82
CA ALA A 87 12.26 2.38 20.03
C ALA A 87 10.79 1.92 19.92
N ALA A 88 10.47 1.09 18.90
CA ALA A 88 9.10 0.60 18.72
C ALA A 88 8.68 -0.40 19.80
N GLU A 89 9.56 -1.35 20.16
CA GLU A 89 9.34 -2.37 21.18
C GLU A 89 8.97 -1.71 22.53
N GLU A 90 9.77 -0.72 22.98
CA GLU A 90 9.58 0.07 24.21
C GLU A 90 8.21 0.77 24.25
N SER A 91 7.64 1.11 23.06
CA SER A 91 6.35 1.81 22.96
C SER A 91 5.20 0.92 22.48
N ARG A 92 5.38 -0.43 22.59
CA ARG A 92 4.37 -1.42 22.19
C ARG A 92 2.95 -1.12 22.67
N GLU A 93 2.80 -0.67 23.94
CA GLU A 93 1.51 -0.33 24.56
C GLU A 93 0.85 0.87 23.91
N GLN A 94 1.64 1.94 23.63
CA GLN A 94 1.14 3.18 23.01
C GLN A 94 0.65 2.89 21.57
N ILE A 95 1.37 2.01 20.88
CA ILE A 95 1.11 1.55 19.50
C ILE A 95 -0.21 0.74 19.46
N GLU A 96 -0.39 -0.24 20.39
CA GLU A 96 -1.60 -1.07 20.52
C GLU A 96 -2.87 -0.22 20.72
N ASP A 97 -2.79 0.79 21.58
CA ASP A 97 -3.87 1.73 21.89
C ASP A 97 -4.29 2.55 20.69
N ALA A 98 -3.32 2.99 19.85
CA ALA A 98 -3.63 3.78 18.64
C ALA A 98 -4.25 2.88 17.57
N ILE A 99 -3.78 1.62 17.48
CA ILE A 99 -4.28 0.62 16.53
C ILE A 99 -5.72 0.15 16.87
N GLN A 100 -5.97 -0.20 18.18
CA GLN A 100 -7.25 -0.69 18.70
C GLN A 100 -8.50 -0.25 17.97
N GLY A 101 -9.27 -1.26 17.54
CA GLY A 101 -10.50 -1.09 16.77
C GLY A 101 -10.28 -1.45 15.30
N ALA A 102 -9.03 -1.31 14.81
CA ALA A 102 -8.68 -1.59 13.41
C ALA A 102 -8.83 -3.02 12.93
N ASP A 103 -9.52 -3.15 11.80
CA ASP A 103 -9.71 -4.43 11.14
C ASP A 103 -8.63 -4.56 10.08
N MET A 104 -8.21 -3.41 9.52
CA MET A 104 -7.17 -3.38 8.51
C MET A 104 -6.17 -2.26 8.77
N VAL A 105 -4.90 -2.59 8.74
CA VAL A 105 -3.81 -1.64 8.99
C VAL A 105 -2.84 -1.58 7.80
N PHE A 106 -2.61 -0.35 7.28
CA PHE A 106 -1.67 -0.10 6.20
C PHE A 106 -0.45 0.57 6.86
N VAL A 107 0.71 -0.09 6.81
CA VAL A 107 1.96 0.44 7.38
C VAL A 107 2.85 0.95 6.24
N THR A 108 3.10 2.25 6.20
CA THR A 108 3.93 2.85 5.18
C THR A 108 5.26 3.35 5.75
N SER A 109 6.35 3.06 5.05
CA SER A 109 7.68 3.45 5.50
C SER A 109 8.70 3.45 4.37
N GLY A 110 9.73 4.28 4.50
CA GLY A 110 10.84 4.30 3.56
C GLY A 110 11.88 3.38 4.19
N MET A 111 12.37 2.40 3.48
CA MET A 111 13.38 1.50 4.07
C MET A 111 14.77 2.10 3.82
N GLY A 112 15.71 1.83 4.73
CA GLY A 112 17.08 2.32 4.58
C GLY A 112 17.55 3.22 5.70
N GLY A 113 16.62 3.91 6.35
CA GLY A 113 16.92 4.78 7.48
C GLY A 113 16.93 3.98 8.79
N GLY A 114 17.04 4.68 9.90
CA GLY A 114 17.05 4.03 11.21
C GLY A 114 15.67 3.72 11.75
N THR A 115 14.73 4.69 11.66
CA THR A 115 13.37 4.55 12.16
C THR A 115 12.53 3.55 11.39
N GLY A 116 12.18 3.89 10.15
CA GLY A 116 11.36 3.05 9.29
C GLY A 116 11.80 1.59 9.23
N THR A 117 13.04 1.35 8.82
CA THR A 117 13.67 0.03 8.70
C THR A 117 13.51 -0.85 9.95
N GLY A 118 13.79 -0.27 11.12
CA GLY A 118 13.72 -0.95 12.41
C GLY A 118 12.35 -1.02 13.05
N ALA A 119 11.63 0.10 13.06
CA ALA A 119 10.32 0.19 13.68
C ALA A 119 9.15 -0.35 12.88
N ALA A 120 9.05 -0.02 11.56
CA ALA A 120 7.92 -0.48 10.75
C ALA A 120 7.63 -1.99 10.89
N PRO A 121 8.62 -2.94 10.79
CA PRO A 121 8.30 -4.37 10.97
C PRO A 121 7.73 -4.71 12.34
N VAL A 122 8.12 -3.97 13.40
CA VAL A 122 7.63 -4.16 14.78
C VAL A 122 6.18 -3.72 14.83
N VAL A 123 5.86 -2.55 14.23
CA VAL A 123 4.50 -1.98 14.16
C VAL A 123 3.57 -2.95 13.42
N ALA A 124 4.08 -3.58 12.34
CA ALA A 124 3.35 -4.53 11.50
C ALA A 124 3.02 -5.80 12.30
N LYS A 125 4.01 -6.35 13.05
CA LYS A 125 3.82 -7.54 13.88
C LYS A 125 2.77 -7.28 14.98
N ILE A 126 2.77 -6.07 15.57
CA ILE A 126 1.81 -5.66 16.62
C ILE A 126 0.38 -5.66 16.01
N ALA A 127 0.22 -5.05 14.81
CA ALA A 127 -1.08 -4.98 14.12
C ALA A 127 -1.61 -6.40 13.82
N LYS A 128 -0.75 -7.27 13.29
CA LYS A 128 -1.03 -8.67 12.93
C LYS A 128 -1.47 -9.50 14.16
N GLU A 129 -0.89 -9.18 15.34
CA GLU A 129 -1.18 -9.85 16.61
C GLU A 129 -2.41 -9.27 17.28
N MET A 130 -2.88 -8.12 16.79
CA MET A 130 -4.09 -7.47 17.25
C MET A 130 -5.29 -7.86 16.32
N GLY A 131 -5.07 -8.87 15.47
CA GLY A 131 -6.05 -9.38 14.51
C GLY A 131 -6.39 -8.50 13.33
N ALA A 132 -5.47 -7.60 12.95
CA ALA A 132 -5.74 -6.71 11.82
C ALA A 132 -5.10 -7.27 10.57
N LEU A 133 -5.79 -7.13 9.41
CA LEU A 133 -5.24 -7.54 8.11
C LEU A 133 -4.11 -6.50 7.89
N THR A 134 -2.87 -6.96 7.84
CA THR A 134 -1.67 -6.09 7.80
C THR A 134 -0.99 -5.96 6.44
N VAL A 135 -1.10 -4.78 5.84
CA VAL A 135 -0.51 -4.47 4.53
C VAL A 135 0.64 -3.45 4.67
N GLY A 136 1.80 -3.83 4.14
CA GLY A 136 2.98 -2.97 4.11
C GLY A 136 3.16 -2.36 2.72
N VAL A 137 3.44 -1.04 2.67
CA VAL A 137 3.71 -0.34 1.39
C VAL A 137 5.05 0.34 1.69
N VAL A 138 6.17 -0.24 1.22
CA VAL A 138 7.47 0.35 1.55
C VAL A 138 8.29 0.74 0.33
N THR A 139 9.24 1.68 0.51
CA THR A 139 10.14 2.03 -0.60
C THR A 139 11.52 1.48 -0.35
N ARG A 140 12.29 1.24 -1.42
CA ARG A 140 13.69 0.84 -1.32
C ARG A 140 14.43 2.12 -1.68
N PRO A 141 15.61 2.41 -1.12
CA PRO A 141 16.26 3.67 -1.46
C PRO A 141 16.75 3.78 -2.89
N PHE A 142 16.99 5.03 -3.34
CA PHE A 142 17.57 5.24 -4.66
C PHE A 142 18.97 4.63 -4.64
N SER A 143 19.44 4.11 -5.78
CA SER A 143 20.78 3.54 -5.92
C SER A 143 21.85 4.59 -5.56
N PHE A 144 21.56 5.89 -5.82
CA PHE A 144 22.50 6.98 -5.51
C PHE A 144 22.78 7.14 -4.03
N GLU A 145 21.92 6.57 -3.18
CA GLU A 145 22.07 6.62 -1.71
C GLU A 145 23.18 5.66 -1.25
N GLY A 146 23.63 4.81 -2.16
CA GLY A 146 24.71 3.86 -1.94
C GLY A 146 24.30 2.48 -1.48
N ARG A 147 25.26 1.53 -1.64
CA ARG A 147 25.15 0.11 -1.28
C ARG A 147 24.74 -0.23 0.17
N LYS A 148 25.34 0.42 1.19
CA LYS A 148 24.97 0.11 2.58
C LYS A 148 23.52 0.45 2.92
N ARG A 149 23.00 1.52 2.33
CA ARG A 149 21.62 1.97 2.51
C ARG A 149 20.69 0.92 1.85
N GLN A 150 21.07 0.43 0.67
CA GLN A 150 20.34 -0.60 -0.08
C GLN A 150 20.32 -1.92 0.70
N THR A 151 21.47 -2.28 1.33
CA THR A 151 21.61 -3.50 2.14
C THR A 151 20.70 -3.44 3.37
N GLN A 152 20.75 -2.31 4.12
CA GLN A 152 19.92 -2.12 5.31
C GLN A 152 18.44 -2.14 4.92
N ALA A 153 18.09 -1.57 3.74
CA ALA A 153 16.68 -1.53 3.30
C ALA A 153 16.17 -2.92 2.99
N ALA A 154 17.02 -3.76 2.35
CA ALA A 154 16.76 -5.15 1.97
C ALA A 154 16.45 -5.96 3.23
N ALA A 155 17.22 -5.75 4.31
CA ALA A 155 17.02 -6.44 5.60
C ALA A 155 15.70 -5.98 6.18
N GLY A 156 15.38 -4.69 6.06
CA GLY A 156 14.11 -4.16 6.54
C GLY A 156 12.94 -4.68 5.73
N VAL A 157 13.11 -4.82 4.37
CA VAL A 157 12.07 -5.34 3.47
C VAL A 157 11.75 -6.81 3.87
N GLU A 158 12.80 -7.65 4.07
CA GLU A 158 12.64 -9.05 4.46
C GLU A 158 11.99 -9.20 5.81
N ALA A 159 12.28 -8.28 6.74
CA ALA A 159 11.67 -8.27 8.06
C ALA A 159 10.22 -7.83 7.93
N MET A 160 9.94 -6.91 6.99
CA MET A 160 8.59 -6.42 6.75
C MET A 160 7.72 -7.56 6.20
N LYS A 161 8.25 -8.33 5.24
CA LYS A 161 7.61 -9.49 4.60
C LYS A 161 7.20 -10.54 5.64
N ALA A 162 8.08 -10.78 6.64
CA ALA A 162 7.85 -11.74 7.73
C ALA A 162 6.83 -11.24 8.74
N ALA A 163 6.59 -9.93 8.81
CA ALA A 163 5.64 -9.38 9.77
C ALA A 163 4.24 -9.08 9.21
N VAL A 164 4.12 -8.83 7.90
CA VAL A 164 2.84 -8.46 7.28
C VAL A 164 2.07 -9.62 6.63
N ASP A 165 0.83 -9.32 6.22
CA ASP A 165 0.01 -10.28 5.49
C ASP A 165 0.50 -10.17 4.03
N THR A 166 0.49 -8.94 3.50
CA THR A 166 0.96 -8.62 2.13
C THR A 166 1.88 -7.41 2.12
N LEU A 167 2.92 -7.47 1.28
CA LEU A 167 3.89 -6.38 1.17
C LEU A 167 3.99 -5.86 -0.26
N ILE A 168 3.87 -4.53 -0.43
CA ILE A 168 4.00 -3.86 -1.73
C ILE A 168 5.32 -3.04 -1.61
N VAL A 169 6.28 -3.34 -2.48
CA VAL A 169 7.59 -2.69 -2.50
C VAL A 169 7.71 -1.76 -3.69
N ILE A 170 8.12 -0.53 -3.42
CA ILE A 170 8.32 0.47 -4.46
C ILE A 170 9.82 0.81 -4.50
N PRO A 171 10.63 0.32 -5.43
CA PRO A 171 12.04 0.74 -5.43
C PRO A 171 12.03 2.22 -5.85
N ASN A 172 12.64 3.12 -5.05
CA ASN A 172 12.69 4.55 -5.40
C ASN A 172 13.25 4.81 -6.80
N ASP A 173 14.17 3.93 -7.28
CA ASP A 173 14.74 4.01 -8.63
C ASP A 173 13.69 3.99 -9.73
N ARG A 174 12.55 3.33 -9.47
N ARG A 174 12.55 3.32 -9.48
CA ARG A 174 11.44 3.28 -10.44
CA ARG A 174 11.47 3.26 -10.46
C ARG A 174 10.86 4.67 -10.70
C ARG A 174 10.83 4.65 -10.68
N LEU A 175 11.01 5.62 -9.74
CA LEU A 175 10.49 7.00 -9.87
C LEU A 175 11.26 7.72 -10.99
N LEU A 176 12.54 7.33 -11.20
CA LEU A 176 13.36 7.89 -12.28
C LEU A 176 12.89 7.43 -13.65
N ASP A 177 12.06 6.37 -13.68
CA ASP A 177 11.49 5.86 -14.93
C ASP A 177 10.24 6.59 -15.35
N ILE A 178 9.60 7.35 -14.42
CA ILE A 178 8.32 8.01 -14.71
C ILE A 178 8.39 9.53 -14.70
N VAL A 179 9.57 10.09 -14.54
CA VAL A 179 9.69 11.54 -14.53
C VAL A 179 10.37 12.02 -15.81
N ASP A 180 10.25 13.32 -16.08
CA ASP A 180 11.01 13.91 -17.16
C ASP A 180 12.14 14.66 -16.46
N LYS A 181 13.05 15.30 -17.19
CA LYS A 181 14.17 16.01 -16.56
C LYS A 181 13.76 17.15 -15.60
N SER A 182 12.55 17.69 -15.78
CA SER A 182 12.01 18.80 -14.98
C SER A 182 10.97 18.46 -13.91
N THR A 183 10.41 17.22 -13.89
CA THR A 183 9.40 16.85 -12.88
C THR A 183 9.88 17.13 -11.45
N PRO A 184 9.19 18.04 -10.70
CA PRO A 184 9.59 18.30 -9.31
C PRO A 184 9.71 17.03 -8.48
N MET A 185 10.68 16.98 -7.55
CA MET A 185 10.88 15.79 -6.71
C MET A 185 9.58 15.46 -5.89
N MET A 186 8.91 16.50 -5.37
CA MET A 186 7.68 16.37 -4.59
C MET A 186 6.57 15.76 -5.41
N GLU A 187 6.50 16.10 -6.72
CA GLU A 187 5.49 15.57 -7.64
C GLU A 187 5.76 14.09 -7.89
N ALA A 188 7.04 13.71 -7.98
CA ALA A 188 7.50 12.33 -8.16
C ALA A 188 7.11 11.49 -6.92
N PHE A 189 7.27 12.11 -5.73
CA PHE A 189 6.92 11.48 -4.46
C PHE A 189 5.40 11.26 -4.34
N LYS A 190 4.58 12.20 -4.87
CA LYS A 190 3.11 12.12 -4.90
C LYS A 190 2.67 10.93 -5.75
N GLU A 191 3.42 10.63 -6.84
CA GLU A 191 3.15 9.51 -7.73
C GLU A 191 3.35 8.20 -6.98
N ALA A 192 4.39 8.12 -6.11
CA ALA A 192 4.61 6.91 -5.33
C ALA A 192 3.50 6.78 -4.26
N ASP A 193 3.03 7.92 -3.69
CA ASP A 193 1.94 7.95 -2.67
C ASP A 193 0.65 7.39 -3.23
N ASN A 194 0.42 7.57 -4.54
CA ASN A 194 -0.75 7.10 -5.27
C ASN A 194 -1.00 5.62 -5.14
N VAL A 195 0.07 4.80 -5.07
CA VAL A 195 -0.03 3.35 -4.92
C VAL A 195 -0.84 3.06 -3.66
N LEU A 196 -0.36 3.58 -2.53
CA LEU A 196 -0.99 3.38 -1.23
C LEU A 196 -2.36 4.02 -1.20
N ARG A 197 -2.46 5.29 -1.63
CA ARG A 197 -3.70 6.07 -1.64
C ARG A 197 -4.84 5.33 -2.39
N GLN A 198 -4.60 4.89 -3.66
CA GLN A 198 -5.60 4.18 -4.49
C GLN A 198 -6.03 2.88 -3.84
N GLY A 199 -5.06 2.17 -3.27
CA GLY A 199 -5.28 0.91 -2.58
C GLY A 199 -6.19 1.12 -1.38
N VAL A 200 -5.90 2.18 -0.58
CA VAL A 200 -6.67 2.52 0.62
C VAL A 200 -8.12 2.94 0.28
N GLN A 201 -8.28 3.92 -0.61
CA GLN A 201 -9.56 4.44 -1.07
C GLN A 201 -10.40 3.32 -1.71
N GLY A 202 -9.76 2.51 -2.54
CA GLY A 202 -10.38 1.39 -3.23
C GLY A 202 -10.91 0.33 -2.29
N ILE A 203 -10.14 -0.03 -1.26
CA ILE A 203 -10.57 -1.01 -0.28
C ILE A 203 -11.75 -0.46 0.55
N SER A 204 -11.63 0.80 1.00
CA SER A 204 -12.67 1.50 1.76
C SER A 204 -14.02 1.48 0.98
N ASP A 205 -13.96 1.77 -0.32
CA ASP A 205 -15.10 1.80 -1.23
C ASP A 205 -15.72 0.41 -1.37
N LEU A 206 -14.88 -0.64 -1.53
CA LEU A 206 -15.28 -2.04 -1.64
C LEU A 206 -16.12 -2.42 -0.38
N ILE A 207 -15.62 -2.06 0.82
CA ILE A 207 -16.29 -2.34 2.09
C ILE A 207 -17.63 -1.56 2.22
N ALA A 208 -17.63 -0.27 1.88
CA ALA A 208 -18.80 0.62 1.97
C ALA A 208 -19.94 0.37 0.97
N VAL A 209 -19.63 -0.08 -0.24
CA VAL A 209 -20.63 -0.28 -1.29
C VAL A 209 -20.95 -1.74 -1.52
N SER A 210 -22.26 -2.06 -1.62
CA SER A 210 -22.70 -3.43 -1.91
C SER A 210 -22.78 -3.46 -3.45
N GLY A 211 -21.85 -4.18 -4.07
CA GLY A 211 -21.80 -4.25 -5.53
C GLY A 211 -22.84 -5.18 -6.08
N GLU A 212 -23.16 -5.07 -7.38
CA GLU A 212 -24.12 -5.99 -8.02
C GLU A 212 -23.56 -7.41 -7.92
N VAL A 213 -22.22 -7.54 -7.93
CA VAL A 213 -21.51 -8.79 -7.69
C VAL A 213 -20.60 -8.34 -6.58
N ASN A 214 -21.10 -8.53 -5.35
CA ASN A 214 -20.44 -8.04 -4.16
C ASN A 214 -19.14 -8.67 -3.71
N LEU A 215 -18.19 -7.78 -3.32
CA LEU A 215 -16.92 -8.14 -2.71
C LEU A 215 -16.92 -7.44 -1.34
N ASP A 216 -16.54 -8.15 -0.28
CA ASP A 216 -16.53 -7.50 1.04
C ASP A 216 -15.20 -7.73 1.74
N PHE A 217 -15.03 -7.21 2.97
CA PHE A 217 -13.78 -7.37 3.73
C PHE A 217 -13.25 -8.80 3.77
N ALA A 218 -14.15 -9.84 3.86
CA ALA A 218 -13.70 -11.25 3.87
C ALA A 218 -12.99 -11.65 2.57
N ASP A 219 -13.40 -11.05 1.45
CA ASP A 219 -12.79 -11.32 0.14
C ASP A 219 -11.39 -10.70 0.09
N VAL A 220 -11.22 -9.50 0.71
CA VAL A 220 -9.94 -8.78 0.84
C VAL A 220 -9.01 -9.67 1.69
N LYS A 221 -9.53 -10.24 2.82
CA LYS A 221 -8.73 -11.14 3.65
C LYS A 221 -8.29 -12.38 2.91
N THR A 222 -9.19 -12.98 2.09
CA THR A 222 -8.85 -14.17 1.32
C THR A 222 -7.69 -13.88 0.35
N ILE A 223 -7.73 -12.73 -0.32
CA ILE A 223 -6.68 -12.40 -1.27
C ILE A 223 -5.38 -11.95 -0.59
N MET A 224 -5.50 -11.29 0.55
CA MET A 224 -4.36 -10.71 1.25
C MET A 224 -3.75 -11.41 2.47
N SER A 225 -4.51 -12.24 3.21
CA SER A 225 -3.95 -12.91 4.40
C SER A 225 -2.80 -13.87 4.11
N ASN A 226 -1.66 -13.65 4.82
CA ASN A 226 -0.41 -14.45 4.76
C ASN A 226 0.09 -14.76 3.35
N GLN A 227 0.08 -13.78 2.48
CA GLN A 227 0.50 -13.96 1.09
C GLN A 227 1.95 -13.59 0.71
N GLY A 228 2.49 -12.54 1.33
CA GLY A 228 3.82 -12.06 0.99
C GLY A 228 3.72 -10.95 -0.03
N SER A 229 4.34 -11.12 -1.20
CA SER A 229 4.29 -10.08 -2.25
C SER A 229 2.92 -9.83 -2.86
N ALA A 230 2.67 -8.55 -3.19
CA ALA A 230 1.41 -8.17 -3.82
C ALA A 230 1.59 -7.04 -4.81
N LEU A 231 0.68 -6.98 -5.77
CA LEU A 231 0.55 -5.95 -6.78
C LEU A 231 -0.85 -5.38 -6.54
N MET A 232 -0.94 -4.05 -6.59
CA MET A 232 -2.20 -3.31 -6.45
C MET A 232 -2.21 -2.36 -7.63
N GLY A 233 -3.37 -2.24 -8.26
CA GLY A 233 -3.50 -1.36 -9.41
C GLY A 233 -4.92 -1.00 -9.78
N ILE A 234 -5.03 0.10 -10.50
CA ILE A 234 -6.27 0.69 -10.97
C ILE A 234 -6.04 1.25 -12.38
N GLY A 235 -7.03 1.06 -13.22
CA GLY A 235 -7.04 1.55 -14.59
C GLY A 235 -8.39 2.14 -14.90
N VAL A 236 -8.39 3.35 -15.47
CA VAL A 236 -9.60 4.06 -15.84
C VAL A 236 -9.54 4.28 -17.32
N SER A 237 -10.64 3.95 -18.04
CA SER A 237 -10.72 4.13 -19.49
C SER A 237 -12.16 4.37 -19.96
N SER A 238 -12.30 4.91 -21.18
CA SER A 238 -13.59 5.23 -21.78
C SER A 238 -13.54 5.02 -23.30
N GLY A 239 -14.72 4.96 -23.92
CA GLY A 239 -14.84 4.76 -25.36
C GLY A 239 -14.66 3.32 -25.79
N GLU A 240 -14.25 3.12 -27.05
CA GLU A 240 -14.02 1.81 -27.63
C GLU A 240 -12.82 1.17 -26.94
N ASN A 241 -12.89 -0.15 -26.76
CA ASN A 241 -11.87 -0.98 -26.10
C ASN A 241 -11.54 -0.56 -24.64
N ARG A 242 -12.47 0.16 -23.98
CA ARG A 242 -12.33 0.66 -22.61
C ARG A 242 -12.01 -0.38 -21.53
N ALA A 243 -12.57 -1.59 -21.66
CA ALA A 243 -12.39 -2.67 -20.69
C ALA A 243 -11.00 -3.25 -20.78
N VAL A 244 -10.52 -3.47 -22.01
CA VAL A 244 -9.18 -4.02 -22.23
C VAL A 244 -8.13 -2.98 -21.76
N GLU A 245 -8.33 -1.69 -22.12
CA GLU A 245 -7.44 -0.56 -21.77
C GLU A 245 -7.37 -0.36 -20.27
N ALA A 246 -8.53 -0.33 -19.58
CA ALA A 246 -8.54 -0.16 -18.14
C ALA A 246 -7.87 -1.34 -17.44
N ALA A 247 -8.07 -2.58 -17.93
CA ALA A 247 -7.48 -3.79 -17.32
C ALA A 247 -5.95 -3.84 -17.50
N LYS A 248 -5.46 -3.43 -18.70
CA LYS A 248 -4.02 -3.39 -19.03
C LYS A 248 -3.33 -2.35 -18.12
N LYS A 249 -3.99 -1.19 -17.88
CA LYS A 249 -3.48 -0.13 -17.03
C LYS A 249 -3.44 -0.62 -15.58
N ALA A 250 -4.52 -1.27 -15.12
CA ALA A 250 -4.65 -1.79 -13.75
C ALA A 250 -3.52 -2.74 -13.36
N ILE A 251 -3.08 -3.60 -14.28
CA ILE A 251 -2.02 -4.60 -14.08
C ILE A 251 -0.60 -4.10 -14.38
N SER A 252 -0.46 -2.90 -14.97
CA SER A 252 0.81 -2.27 -15.30
C SER A 252 1.43 -1.88 -13.98
N SER A 253 2.70 -2.17 -13.78
CA SER A 253 3.33 -1.84 -12.49
C SER A 253 4.66 -1.13 -12.69
N PRO A 254 4.70 0.12 -13.24
CA PRO A 254 6.00 0.78 -13.45
C PRO A 254 6.76 1.08 -12.16
N LEU A 255 6.05 1.29 -11.05
CA LEU A 255 6.65 1.63 -9.75
C LEU A 255 6.84 0.44 -8.82
N LEU A 256 6.23 -0.69 -9.16
CA LEU A 256 6.28 -1.86 -8.29
C LEU A 256 7.32 -2.87 -8.64
N GLU A 257 7.91 -3.47 -7.61
CA GLU A 257 8.91 -4.52 -7.70
C GLU A 257 8.23 -5.81 -8.24
N THR A 258 7.02 -6.10 -7.75
CA THR A 258 6.27 -7.29 -8.18
C THR A 258 5.41 -6.99 -9.39
N SER A 259 5.52 -7.82 -10.43
CA SER A 259 4.71 -7.67 -11.64
C SER A 259 3.59 -8.72 -11.61
N ILE A 260 2.55 -8.56 -12.47
CA ILE A 260 1.41 -9.48 -12.57
C ILE A 260 1.80 -10.92 -12.90
N VAL A 261 2.89 -11.09 -13.66
CA VAL A 261 3.42 -12.39 -14.05
C VAL A 261 3.68 -13.15 -12.73
N GLY A 262 3.21 -14.37 -12.61
CA GLY A 262 3.42 -15.11 -11.38
C GLY A 262 2.29 -15.06 -10.38
N ALA A 263 1.30 -14.14 -10.58
CA ALA A 263 0.14 -14.04 -9.68
C ALA A 263 -0.72 -15.29 -9.85
N GLN A 264 -1.15 -15.87 -8.73
CA GLN A 264 -2.00 -17.05 -8.74
C GLN A 264 -3.36 -16.74 -8.14
N GLY A 265 -3.45 -15.57 -7.50
CA GLY A 265 -4.68 -15.09 -6.90
C GLY A 265 -4.90 -13.64 -7.23
N VAL A 266 -6.15 -13.28 -7.61
CA VAL A 266 -6.53 -11.89 -7.93
C VAL A 266 -7.91 -11.54 -7.39
N LEU A 267 -8.02 -10.35 -6.79
CA LEU A 267 -9.29 -9.78 -6.39
C LEU A 267 -9.46 -8.71 -7.49
N MET A 268 -10.49 -8.83 -8.28
CA MET A 268 -10.68 -7.89 -9.37
C MET A 268 -12.08 -7.36 -9.39
N ASN A 269 -12.21 -6.04 -9.43
CA ASN A 269 -13.50 -5.39 -9.49
C ASN A 269 -13.62 -4.57 -10.74
N ILE A 270 -14.81 -4.58 -11.36
CA ILE A 270 -15.08 -3.74 -12.52
C ILE A 270 -16.20 -2.77 -12.13
N THR A 271 -15.94 -1.46 -12.22
CA THR A 271 -16.96 -0.45 -11.94
C THR A 271 -17.28 0.21 -13.27
N GLY A 272 -18.57 0.31 -13.56
CA GLY A 272 -19.07 0.93 -14.78
C GLY A 272 -20.47 1.48 -14.64
N GLY A 273 -20.91 2.21 -15.65
CA GLY A 273 -22.27 2.76 -15.66
C GLY A 273 -23.24 1.64 -16.03
N GLU A 274 -24.49 2.02 -16.34
CA GLU A 274 -25.54 1.09 -16.76
C GLU A 274 -25.18 0.33 -18.05
N SER A 275 -24.23 0.88 -18.85
CA SER A 275 -23.78 0.29 -20.10
C SER A 275 -22.79 -0.88 -19.95
N LEU A 276 -22.27 -1.11 -18.73
CA LEU A 276 -21.29 -2.18 -18.45
C LEU A 276 -21.79 -3.51 -19.00
N SER A 277 -21.12 -4.01 -20.04
CA SER A 277 -21.51 -5.26 -20.68
C SER A 277 -20.82 -6.47 -20.13
N LEU A 278 -21.46 -7.62 -20.30
CA LEU A 278 -20.92 -8.89 -19.87
C LEU A 278 -19.67 -9.21 -20.71
N PHE A 279 -19.74 -8.93 -22.03
CA PHE A 279 -18.65 -9.20 -22.95
C PHE A 279 -17.37 -8.45 -22.53
N GLU A 280 -17.51 -7.18 -22.17
CA GLU A 280 -16.36 -6.38 -21.77
C GLU A 280 -15.83 -6.76 -20.40
N ALA A 281 -16.70 -7.27 -19.48
CA ALA A 281 -16.24 -7.74 -18.18
C ALA A 281 -15.36 -8.97 -18.43
N GLN A 282 -15.75 -9.87 -19.35
CA GLN A 282 -14.96 -11.06 -19.69
C GLN A 282 -13.64 -10.62 -20.38
N GLU A 283 -13.70 -9.63 -21.29
CA GLU A 283 -12.49 -9.11 -21.97
C GLU A 283 -11.48 -8.67 -20.93
N ALA A 284 -11.94 -7.88 -19.94
CA ALA A 284 -11.11 -7.36 -18.85
C ALA A 284 -10.55 -8.51 -18.00
N ALA A 285 -11.40 -9.46 -17.56
CA ALA A 285 -10.92 -10.60 -16.76
C ALA A 285 -9.91 -11.46 -17.52
N ASP A 286 -10.08 -11.62 -18.86
CA ASP A 286 -9.17 -12.41 -19.73
C ASP A 286 -7.79 -11.75 -19.84
N ILE A 287 -7.71 -10.41 -19.85
CA ILE A 287 -6.44 -9.63 -19.86
C ILE A 287 -5.67 -10.02 -18.60
N VAL A 288 -6.37 -10.02 -17.44
CA VAL A 288 -5.78 -10.39 -16.16
C VAL A 288 -5.30 -11.85 -16.17
N GLN A 289 -6.17 -12.81 -16.57
CA GLN A 289 -5.83 -14.23 -16.66
C GLN A 289 -4.65 -14.48 -17.62
N ASP A 290 -4.63 -13.82 -18.79
CA ASP A 290 -3.54 -13.99 -19.77
C ASP A 290 -2.20 -13.42 -19.29
N ALA A 291 -2.22 -12.21 -18.71
CA ALA A 291 -1.00 -11.56 -18.23
C ALA A 291 -0.26 -12.32 -17.11
N ALA A 292 -0.99 -13.04 -16.26
CA ALA A 292 -0.44 -13.79 -15.12
C ALA A 292 0.53 -14.95 -15.38
N ASP A 293 0.39 -15.70 -16.50
CA ASP A 293 1.24 -16.88 -16.88
C ASP A 293 0.84 -18.20 -16.21
N GLU A 294 0.13 -18.12 -15.08
CA GLU A 294 -0.41 -19.25 -14.33
C GLU A 294 -1.94 -19.13 -14.36
N ASP A 295 -2.68 -20.16 -13.90
CA ASP A 295 -4.14 -20.03 -13.85
C ASP A 295 -4.42 -19.27 -12.58
N VAL A 296 -5.14 -18.16 -12.68
CA VAL A 296 -5.40 -17.38 -11.50
C VAL A 296 -6.74 -17.65 -10.82
N ASN A 297 -6.71 -17.76 -9.50
CA ASN A 297 -7.89 -17.92 -8.69
C ASN A 297 -8.44 -16.50 -8.52
N MET A 298 -9.44 -16.16 -9.33
CA MET A 298 -10.05 -14.85 -9.31
C MET A 298 -11.27 -14.74 -8.40
N ILE A 299 -11.30 -13.67 -7.61
CA ILE A 299 -12.40 -13.25 -6.77
C ILE A 299 -12.88 -12.00 -7.55
N PHE A 300 -13.93 -12.20 -8.34
CA PHE A 300 -14.49 -11.20 -9.21
C PHE A 300 -15.63 -10.40 -8.64
N GLY A 301 -15.54 -9.10 -8.81
CA GLY A 301 -16.56 -8.15 -8.38
C GLY A 301 -17.00 -7.22 -9.49
N THR A 302 -18.21 -6.65 -9.32
CA THR A 302 -18.80 -5.71 -10.27
C THR A 302 -19.69 -4.72 -9.52
N VAL A 303 -19.62 -3.44 -9.91
CA VAL A 303 -20.40 -2.32 -9.36
C VAL A 303 -20.98 -1.54 -10.51
N ILE A 304 -22.26 -1.22 -10.43
CA ILE A 304 -22.93 -0.37 -11.42
C ILE A 304 -23.07 1.01 -10.79
N ASN A 305 -22.31 2.00 -11.29
CA ASN A 305 -22.34 3.38 -10.83
C ASN A 305 -22.92 4.18 -12.00
N PRO A 306 -24.25 4.50 -11.96
CA PRO A 306 -24.87 5.24 -13.08
C PRO A 306 -24.33 6.64 -13.37
N GLU A 307 -23.49 7.18 -12.47
CA GLU A 307 -22.86 8.48 -12.59
C GLU A 307 -21.59 8.44 -13.47
N LEU A 308 -20.97 7.24 -13.62
CA LEU A 308 -19.75 7.03 -14.42
C LEU A 308 -19.88 7.28 -15.93
N GLN A 309 -21.11 7.14 -16.47
CA GLN A 309 -21.47 7.29 -17.89
C GLN A 309 -20.67 6.37 -18.83
N ASP A 310 -19.65 6.88 -19.55
CA ASP A 310 -18.85 6.06 -20.48
C ASP A 310 -17.49 5.56 -19.92
N GLU A 311 -17.17 5.92 -18.67
CA GLU A 311 -15.93 5.49 -18.04
C GLU A 311 -16.08 4.11 -17.41
N ILE A 312 -15.00 3.35 -17.40
CA ILE A 312 -14.90 2.03 -16.79
C ILE A 312 -13.65 2.05 -15.89
N VAL A 313 -13.78 1.48 -14.69
CA VAL A 313 -12.70 1.41 -13.73
C VAL A 313 -12.47 -0.05 -13.38
N VAL A 314 -11.25 -0.51 -13.61
CA VAL A 314 -10.81 -1.86 -13.31
C VAL A 314 -9.80 -1.77 -12.17
N THR A 315 -10.05 -2.47 -11.08
CA THR A 315 -9.15 -2.52 -9.93
C THR A 315 -8.69 -3.93 -9.68
N VAL A 316 -7.39 -4.08 -9.37
CA VAL A 316 -6.77 -5.39 -9.16
C VAL A 316 -5.88 -5.41 -7.90
N ILE A 317 -6.00 -6.52 -7.12
CA ILE A 317 -5.15 -6.86 -5.98
C ILE A 317 -4.68 -8.24 -6.41
N ALA A 318 -3.37 -8.37 -6.68
CA ALA A 318 -2.78 -9.62 -7.14
C ALA A 318 -1.80 -10.19 -6.15
N THR A 319 -1.99 -11.48 -5.80
CA THR A 319 -1.16 -12.20 -4.85
C THR A 319 -0.91 -13.62 -5.37
N GLY A 320 -0.49 -14.52 -4.49
CA GLY A 320 -0.21 -15.91 -4.84
C GLY A 320 1.17 -16.14 -5.40
N PHE A 321 2.11 -15.19 -5.18
CA PHE A 321 3.50 -15.29 -5.63
C PHE A 321 4.30 -16.31 -4.79
N ASP A 322 3.68 -16.79 -3.65
CA ASP A 322 4.20 -17.82 -2.72
C ASP A 322 5.54 -17.43 -2.04
N ASP A 323 5.72 -16.16 -1.65
CA ASP A 323 6.99 -15.71 -1.06
C ASP A 323 6.98 -15.11 0.36
N LYS A 324 6.07 -15.55 1.27
CA LYS A 324 6.07 -15.01 2.64
C LYS A 324 7.20 -15.65 3.47
#